data_2VVY
#
_entry.id   2VVY
#
_cell.length_a   168.673
_cell.length_b   43.884
_cell.length_c   99.878
_cell.angle_alpha   90.00
_cell.angle_beta   112.09
_cell.angle_gamma   90.00
#
_symmetry.space_group_name_H-M   'C 1 2 1'
#
_entity_poly.entity_id   1
_entity_poly.type   'polypeptide(L)'
_entity_poly.pdbx_seq_one_letter_code
;(MSE)GSSHHHHHHSSGLVPRGSH(MSE)TANFSTHVFSPQHCGCDRLTSIDDVRQCLTEYIYWSSYAYRNRQCAGQLYS
TLLSFRDDAELVFIDIRELVKN(MSE)PWDDVKDCAEIIRCYIPDEQKTIREISAIIGLCAYAATYWGGEDHPTSNSLNA
LFV(MSE)LE(MSE)LNYVDYNIIFRR(MSE)N
;
_entity_poly.pdbx_strand_id   A,B,C,D
#
# COMPACT_ATOMS: atom_id res chain seq x y z
N HIS A 28 5.09 12.82 9.61
CA HIS A 28 3.84 13.56 9.55
C HIS A 28 3.10 13.28 8.24
N VAL A 29 1.92 12.69 8.37
CA VAL A 29 1.15 12.28 7.20
C VAL A 29 -0.33 12.46 7.48
N PHE A 30 -1.12 12.76 6.45
CA PHE A 30 -2.53 13.04 6.63
C PHE A 30 -3.21 12.03 7.56
N SER A 31 -3.93 12.55 8.53
CA SER A 31 -4.62 11.70 9.49
C SER A 31 -6.13 11.92 9.41
N PRO A 32 -6.84 10.96 8.81
CA PRO A 32 -8.30 11.07 8.70
C PRO A 32 -8.95 11.22 10.08
N GLN A 33 -10.00 12.02 10.14
CA GLN A 33 -10.70 12.25 11.40
C GLN A 33 -11.20 10.95 12.00
N HIS A 34 -11.63 10.02 11.15
CA HIS A 34 -12.26 8.81 11.63
C HIS A 34 -11.35 7.58 11.57
N CYS A 35 -10.06 7.84 11.35
CA CYS A 35 -9.03 6.81 11.27
C CYS A 35 -9.18 5.74 12.35
N GLY A 36 -9.22 6.17 13.61
CA GLY A 36 -9.30 5.24 14.72
C GLY A 36 -10.70 4.76 15.04
N CYS A 37 -11.70 5.46 14.52
CA CYS A 37 -13.11 5.16 14.82
C CYS A 37 -13.55 3.73 14.48
N ASP A 38 -14.47 3.21 15.29
CA ASP A 38 -15.05 1.90 15.07
C ASP A 38 -16.42 2.03 14.45
N ARG A 39 -16.94 3.26 14.46
CA ARG A 39 -18.27 3.53 13.95
C ARG A 39 -18.41 5.02 13.65
N LEU A 40 -19.47 5.37 12.93
CA LEU A 40 -19.82 6.76 12.73
C LEU A 40 -21.02 7.06 13.61
N THR A 41 -21.11 8.29 14.08
CA THR A 41 -22.22 8.69 14.94
C THR A 41 -23.35 9.29 14.11
N SER A 42 -23.04 10.36 13.39
CA SER A 42 -24.00 11.03 12.57
C SER A 42 -23.88 10.56 11.13
N ILE A 43 -24.98 10.67 10.39
CA ILE A 43 -24.98 10.37 8.97
C ILE A 43 -24.33 11.54 8.21
N ASP A 44 -24.08 12.63 8.94
CA ASP A 44 -23.47 13.82 8.36
C ASP A 44 -21.98 13.62 8.19
N ASP A 45 -21.43 12.68 8.95
CA ASP A 45 -20.02 12.33 8.87
C ASP A 45 -19.70 11.38 7.72
N VAL A 46 -20.73 10.89 7.03
CA VAL A 46 -20.55 9.86 6.02
C VAL A 46 -19.75 10.33 4.81
N ARG A 47 -20.03 11.54 4.30
CA ARG A 47 -19.31 12.03 3.14
C ARG A 47 -17.87 12.41 3.44
N GLN A 48 -17.64 13.10 4.55
CA GLN A 48 -16.27 13.42 4.92
C GLN A 48 -15.46 12.13 5.12
N CYS A 49 -16.13 11.11 5.66
CA CYS A 49 -15.42 9.89 6.00
C CYS A 49 -14.94 9.16 4.75
N LEU A 50 -15.87 8.95 3.82
CA LEU A 50 -15.56 8.27 2.57
C LEU A 50 -14.51 9.05 1.78
N THR A 51 -14.67 10.37 1.76
CA THR A 51 -13.74 11.25 1.07
C THR A 51 -12.32 11.06 1.61
N GLU A 52 -12.16 11.20 2.92
CA GLU A 52 -10.83 11.12 3.52
C GLU A 52 -10.25 9.71 3.40
N TYR A 53 -11.13 8.71 3.39
CA TYR A 53 -10.71 7.33 3.18
C TYR A 53 -10.04 7.18 1.81
N ILE A 54 -10.73 7.63 0.76
CA ILE A 54 -10.19 7.57 -0.59
C ILE A 54 -8.94 8.40 -0.78
N TYR A 55 -8.86 9.56 -0.14
CA TYR A 55 -7.63 10.35 -0.22
C TYR A 55 -6.48 9.63 0.48
N TRP A 56 -6.78 9.11 1.67
CA TRP A 56 -5.82 8.34 2.46
C TRP A 56 -5.30 7.11 1.70
N SER A 57 -6.16 6.49 0.88
CA SER A 57 -5.74 5.35 0.05
C SER A 57 -4.69 5.70 -1.03
N SER A 58 -4.41 6.98 -1.21
CA SER A 58 -3.45 7.43 -2.22
C SER A 58 -2.02 7.07 -1.85
N TYR A 59 -1.65 7.31 -0.60
CA TYR A 59 -0.26 7.18 -0.17
C TYR A 59 -0.14 7.23 1.35
N ALA A 60 -1.08 7.92 2.01
CA ALA A 60 -1.01 8.09 3.45
C ALA A 60 -1.17 6.77 4.18
N TYR A 61 -1.67 5.76 3.48
CA TYR A 61 -2.00 4.47 4.08
C TYR A 61 -0.76 3.66 4.49
N ARG A 62 0.34 3.87 3.77
CA ARG A 62 1.54 3.08 4.01
C ARG A 62 2.43 3.72 5.08
N ASN A 63 2.02 4.89 5.55
CA ASN A 63 2.78 5.60 6.58
C ASN A 63 1.98 5.73 7.88
N ARG A 64 0.66 5.69 7.75
CA ARG A 64 -0.24 5.78 8.89
C ARG A 64 -1.34 4.73 8.78
N GLN A 65 -1.47 3.87 9.78
CA GLN A 65 -2.49 2.84 9.73
C GLN A 65 -3.74 3.27 10.46
N CYS A 66 -4.80 2.53 10.22
CA CYS A 66 -6.09 2.82 10.82
C CYS A 66 -6.74 1.51 11.27
N ALA A 67 -6.64 1.24 12.55
CA ALA A 67 -7.06 -0.05 13.10
C ALA A 67 -8.55 -0.13 13.43
N GLY A 68 -9.24 1.00 13.40
CA GLY A 68 -10.65 1.03 13.69
C GLY A 68 -11.45 -0.08 13.00
N GLN A 69 -12.61 -0.40 13.54
CA GLN A 69 -13.50 -1.35 12.89
C GLN A 69 -14.12 -0.71 11.65
N LEU A 70 -14.16 0.62 11.66
CA LEU A 70 -14.69 1.38 10.54
C LEU A 70 -13.84 1.20 9.30
N TYR A 71 -12.52 1.38 9.44
CA TYR A 71 -11.62 1.19 8.32
C TYR A 71 -11.48 -0.28 7.91
N SER A 72 -11.75 -1.18 8.85
CA SER A 72 -11.78 -2.60 8.54
C SER A 72 -12.93 -2.87 7.57
N THR A 73 -14.09 -2.33 7.89
CA THR A 73 -15.27 -2.48 7.04
C THR A 73 -15.02 -1.89 5.66
N LEU A 74 -14.56 -0.64 5.62
CA LEU A 74 -14.29 0.06 4.35
C LEU A 74 -13.39 -0.75 3.44
N LEU A 75 -12.28 -1.23 3.97
CA LEU A 75 -11.33 -2.01 3.17
C LEU A 75 -11.98 -3.27 2.62
N SER A 76 -12.95 -3.83 3.34
CA SER A 76 -13.64 -5.03 2.89
C SER A 76 -14.56 -4.74 1.70
N PHE A 77 -14.75 -3.47 1.37
CA PHE A 77 -15.57 -3.11 0.23
C PHE A 77 -14.90 -3.53 -1.07
N ARG A 78 -13.61 -3.88 -0.98
CA ARG A 78 -12.90 -4.42 -2.13
C ARG A 78 -13.59 -5.69 -2.59
N ASP A 79 -14.19 -6.41 -1.64
CA ASP A 79 -14.90 -7.64 -1.94
C ASP A 79 -16.17 -7.35 -2.73
N ASP A 80 -16.87 -6.28 -2.35
CA ASP A 80 -18.07 -5.89 -3.06
C ASP A 80 -17.73 -5.36 -4.45
N ALA A 81 -16.58 -4.72 -4.58
CA ALA A 81 -16.09 -4.26 -5.89
C ALA A 81 -15.81 -5.44 -6.83
N GLU A 82 -15.05 -6.41 -6.34
CA GLU A 82 -14.74 -7.62 -7.12
C GLU A 82 -16.00 -8.33 -7.55
N LEU A 83 -17.02 -8.28 -6.70
CA LEU A 83 -18.25 -8.97 -6.98
C LEU A 83 -19.01 -8.29 -8.12
N VAL A 84 -18.90 -6.96 -8.22
CA VAL A 84 -19.66 -6.21 -9.20
C VAL A 84 -18.87 -5.98 -10.51
N PHE A 85 -17.57 -5.73 -10.38
CA PHE A 85 -16.75 -5.39 -11.55
C PHE A 85 -15.86 -6.55 -11.98
N ILE A 86 -16.05 -7.70 -11.35
CA ILE A 86 -15.31 -8.91 -11.71
C ILE A 86 -13.81 -8.75 -11.44
N ASP A 87 -13.04 -8.27 -12.42
CA ASP A 87 -11.61 -8.06 -12.22
C ASP A 87 -11.30 -6.57 -12.11
N ILE A 88 -11.22 -6.05 -10.88
CA ILE A 88 -11.01 -4.62 -10.68
C ILE A 88 -9.60 -4.16 -11.02
N ARG A 89 -8.61 -5.05 -10.92
CA ARG A 89 -7.25 -4.68 -11.31
C ARG A 89 -7.20 -4.31 -12.78
N GLU A 90 -7.69 -5.20 -13.63
CA GLU A 90 -7.67 -4.98 -15.07
C GLU A 90 -8.58 -3.83 -15.46
N LEU A 91 -9.61 -3.60 -14.65
CA LEU A 91 -10.57 -2.51 -14.92
C LEU A 91 -9.99 -1.15 -14.58
N VAL A 92 -9.25 -1.06 -13.48
CA VAL A 92 -8.62 0.19 -13.09
C VAL A 92 -7.59 0.64 -14.12
N LYS A 93 -6.85 -0.31 -14.68
CA LYS A 93 -5.84 0.02 -15.70
C LYS A 93 -6.47 0.60 -16.95
N ASN A 94 -7.56 -0.02 -17.41
CA ASN A 94 -8.27 0.40 -18.60
C ASN A 94 -8.94 1.78 -18.51
N PRO A 96 -10.44 5.53 -18.06
CA PRO A 96 -9.87 6.86 -18.33
C PRO A 96 -9.88 7.74 -17.09
N TRP A 97 -8.93 7.54 -16.18
CA TRP A 97 -8.92 8.27 -14.92
C TRP A 97 -8.61 9.77 -15.08
N ASP A 98 -8.14 10.14 -16.25
CA ASP A 98 -7.94 11.55 -16.59
C ASP A 98 -9.29 12.23 -16.88
N ASP A 99 -10.34 11.43 -17.04
CA ASP A 99 -11.66 11.95 -17.40
C ASP A 99 -12.75 11.43 -16.45
N VAL A 100 -13.07 12.23 -15.44
CA VAL A 100 -14.01 11.81 -14.42
C VAL A 100 -15.38 11.48 -15.00
N LYS A 101 -15.87 12.36 -15.85
CA LYS A 101 -17.20 12.20 -16.46
C LYS A 101 -17.33 10.86 -17.15
N ASP A 102 -16.28 10.49 -17.90
CA ASP A 102 -16.29 9.27 -18.69
C ASP A 102 -16.17 8.05 -17.81
N CYS A 103 -15.39 8.14 -16.75
CA CYS A 103 -15.28 7.07 -15.77
C CYS A 103 -16.65 6.76 -15.17
N ALA A 104 -17.40 7.82 -14.85
CA ALA A 104 -18.73 7.66 -14.31
C ALA A 104 -19.63 6.97 -15.32
N GLU A 105 -19.44 7.28 -16.59
CA GLU A 105 -20.22 6.64 -17.64
C GLU A 105 -19.95 5.14 -17.68
N ILE A 106 -18.69 4.78 -17.51
CA ILE A 106 -18.27 3.38 -17.55
C ILE A 106 -18.86 2.62 -16.37
N ILE A 107 -18.77 3.21 -15.19
CA ILE A 107 -19.36 2.63 -14.00
C ILE A 107 -20.86 2.38 -14.20
N ARG A 108 -21.55 3.35 -14.80
CA ARG A 108 -23.00 3.23 -14.99
C ARG A 108 -23.37 2.13 -15.96
N CYS A 109 -22.37 1.52 -16.60
CA CYS A 109 -22.61 0.33 -17.39
C CYS A 109 -22.92 -0.83 -16.44
N TYR A 110 -22.14 -0.92 -15.37
CA TYR A 110 -22.33 -1.96 -14.36
C TYR A 110 -23.47 -1.61 -13.39
N ILE A 111 -23.48 -0.37 -12.91
CA ILE A 111 -24.54 0.13 -12.05
C ILE A 111 -25.35 1.25 -12.74
N PRO A 112 -26.38 0.87 -13.51
CA PRO A 112 -27.13 1.79 -14.37
C PRO A 112 -28.11 2.69 -13.61
N ASP A 113 -28.85 2.12 -12.67
CA ASP A 113 -29.95 2.84 -12.03
C ASP A 113 -29.48 3.93 -11.09
N GLU A 114 -30.30 4.97 -10.94
CA GLU A 114 -30.00 6.02 -9.99
C GLU A 114 -30.25 5.51 -8.58
N GLN A 115 -31.26 4.66 -8.44
CA GLN A 115 -31.49 3.95 -7.19
C GLN A 115 -30.51 2.77 -7.11
N LYS A 116 -29.46 2.91 -6.30
CA LYS A 116 -28.45 1.86 -6.12
C LYS A 116 -28.71 1.01 -4.87
N THR A 117 -28.22 -0.23 -4.90
CA THR A 117 -28.30 -1.11 -3.75
C THR A 117 -27.07 -0.98 -2.84
N ILE A 118 -27.20 -1.38 -1.59
CA ILE A 118 -26.11 -1.25 -0.63
C ILE A 118 -24.84 -1.95 -1.11
N ARG A 119 -25.01 -3.02 -1.88
CA ARG A 119 -23.86 -3.73 -2.44
C ARG A 119 -23.19 -2.95 -3.57
N GLU A 120 -24.01 -2.32 -4.43
CA GLU A 120 -23.52 -1.53 -5.54
C GLU A 120 -22.79 -0.30 -5.03
N ILE A 121 -23.29 0.29 -3.96
CA ILE A 121 -22.67 1.49 -3.39
C ILE A 121 -21.32 1.14 -2.78
N SER A 122 -21.24 -0.02 -2.13
CA SER A 122 -19.98 -0.49 -1.56
C SER A 122 -18.99 -0.82 -2.67
N ALA A 123 -19.47 -1.44 -3.73
CA ALA A 123 -18.65 -1.71 -4.91
C ALA A 123 -17.98 -0.44 -5.42
N ILE A 124 -18.77 0.64 -5.55
CA ILE A 124 -18.25 1.90 -6.07
C ILE A 124 -17.15 2.50 -5.20
N ILE A 125 -17.37 2.49 -3.89
CA ILE A 125 -16.36 2.97 -2.95
C ILE A 125 -15.15 2.05 -3.01
N GLY A 126 -15.41 0.75 -3.08
CA GLY A 126 -14.35 -0.24 -3.15
C GLY A 126 -13.48 -0.04 -4.37
N LEU A 127 -14.11 0.15 -5.52
CA LEU A 127 -13.38 0.36 -6.77
C LEU A 127 -12.52 1.63 -6.74
N CYS A 128 -13.10 2.72 -6.24
CA CYS A 128 -12.42 4.01 -6.22
C CYS A 128 -11.23 4.00 -5.26
N ALA A 129 -11.37 3.31 -4.13
CA ALA A 129 -10.27 3.21 -3.19
C ALA A 129 -9.11 2.40 -3.80
N TYR A 130 -9.45 1.37 -4.56
CA TYR A 130 -8.43 0.55 -5.19
C TYR A 130 -7.72 1.36 -6.26
N ALA A 131 -8.50 2.07 -7.07
CA ALA A 131 -7.94 2.94 -8.08
C ALA A 131 -7.01 3.98 -7.47
N ALA A 132 -7.39 4.50 -6.31
CA ALA A 132 -6.59 5.52 -5.64
C ALA A 132 -5.25 4.96 -5.18
N THR A 133 -5.25 3.71 -4.74
CA THR A 133 -4.02 3.06 -4.29
C THR A 133 -3.16 2.71 -5.49
N TYR A 134 -3.78 2.19 -6.53
CA TYR A 134 -3.08 1.85 -7.75
C TYR A 134 -2.35 3.06 -8.34
N TRP A 135 -3.03 4.20 -8.39
CA TRP A 135 -2.49 5.37 -9.10
C TRP A 135 -1.65 6.30 -8.24
N GLY A 136 -1.70 6.11 -6.93
CA GLY A 136 -0.95 6.97 -6.03
C GLY A 136 0.55 6.80 -6.17
N GLY A 137 1.27 7.78 -5.64
CA GLY A 137 2.72 7.69 -5.49
C GLY A 137 3.02 7.06 -4.14
N GLU A 138 4.28 7.04 -3.76
CA GLU A 138 4.63 6.40 -2.49
C GLU A 138 4.42 7.38 -1.35
N ASP A 139 4.75 8.64 -1.59
CA ASP A 139 4.66 9.69 -0.57
C ASP A 139 3.79 10.87 -1.02
N HIS A 140 3.28 10.80 -2.25
CA HIS A 140 2.43 11.85 -2.79
C HIS A 140 1.33 11.28 -3.68
N PRO A 141 0.24 12.02 -3.82
CA PRO A 141 -0.85 11.65 -4.72
C PRO A 141 -0.59 12.09 -6.16
N THR A 142 -1.37 11.56 -7.09
CA THR A 142 -1.24 11.91 -8.50
C THR A 142 -2.57 12.46 -9.01
N SER A 143 -2.54 13.08 -10.18
CA SER A 143 -3.76 13.56 -10.79
C SER A 143 -4.80 12.46 -10.90
N ASN A 144 -4.35 11.26 -11.27
CA ASN A 144 -5.26 10.13 -11.43
C ASN A 144 -5.83 9.63 -10.11
N SER A 145 -4.98 9.56 -9.08
CA SER A 145 -5.42 9.08 -7.77
C SER A 145 -6.43 10.04 -7.15
N LEU A 146 -6.24 11.33 -7.37
CA LEU A 146 -7.22 12.33 -6.94
C LEU A 146 -8.53 12.16 -7.69
N ASN A 147 -8.44 11.97 -9.00
CA ASN A 147 -9.62 11.79 -9.83
C ASN A 147 -10.51 10.63 -9.39
N ALA A 148 -9.89 9.61 -8.78
CA ALA A 148 -10.64 8.47 -8.25
C ALA A 148 -11.61 8.96 -7.18
N LEU A 149 -11.15 9.94 -6.41
CA LEU A 149 -11.95 10.57 -5.38
C LEU A 149 -13.16 11.29 -5.97
N PHE A 150 -12.96 11.94 -7.11
CA PHE A 150 -14.01 12.71 -7.74
C PHE A 150 -14.96 11.85 -8.54
N VAL A 151 -14.49 10.69 -8.98
CA VAL A 151 -15.36 9.74 -9.66
C VAL A 151 -16.41 9.27 -8.66
N LEU A 153 -17.48 10.82 -5.93
CA LEU A 153 -18.39 11.93 -5.67
C LEU A 153 -19.42 12.09 -6.79
N GLU A 154 -18.98 11.92 -8.03
CA GLU A 154 -19.86 11.98 -9.18
C GLU A 154 -20.94 10.92 -9.08
N LEU A 156 -22.12 9.12 -6.23
CA LEU A 156 -22.99 9.00 -5.06
C LEU A 156 -23.77 10.26 -4.75
N ASN A 157 -25.07 10.09 -4.53
CA ASN A 157 -25.98 11.15 -4.06
C ASN A 157 -26.29 11.00 -2.57
N TYR A 158 -27.08 11.90 -2.01
CA TYR A 158 -27.36 11.89 -0.57
C TYR A 158 -28.14 10.65 -0.13
N VAL A 159 -28.99 10.14 -1.01
CA VAL A 159 -29.74 8.93 -0.70
C VAL A 159 -28.83 7.72 -0.60
N ASP A 160 -27.74 7.75 -1.37
CA ASP A 160 -26.76 6.67 -1.32
C ASP A 160 -26.00 6.71 0.00
N TYR A 161 -25.75 7.92 0.50
CA TYR A 161 -25.01 8.07 1.75
C TYR A 161 -25.80 7.58 2.97
N ASN A 162 -27.12 7.63 2.89
CA ASN A 162 -27.96 7.10 3.97
C ASN A 162 -27.89 5.58 4.06
N ILE A 163 -27.76 4.95 2.90
CA ILE A 163 -27.74 3.51 2.79
C ILE A 163 -26.41 2.92 3.24
N ILE A 164 -25.32 3.42 2.65
CA ILE A 164 -24.00 2.92 2.98
C ILE A 164 -23.65 3.25 4.43
N PHE A 165 -24.37 4.22 4.99
CA PHE A 165 -24.23 4.54 6.40
C PHE A 165 -24.52 3.32 7.27
N ARG A 166 -25.38 2.43 6.79
CA ARG A 166 -25.77 1.25 7.57
C ARG A 166 -24.66 0.21 7.71
N ARG A 167 -23.60 0.35 6.93
CA ARG A 167 -22.44 -0.54 7.06
C ARG A 167 -21.39 0.10 7.94
N ASN A 169 -22.24 1.67 10.68
CA ASN A 169 -23.02 1.73 11.91
C ASN A 169 -24.36 2.40 11.68
N HIS B 28 -5.21 -13.25 -9.53
CA HIS B 28 -4.00 -12.42 -9.57
C HIS B 28 -3.01 -12.86 -8.49
N VAL B 29 -2.55 -14.09 -8.59
CA VAL B 29 -1.64 -14.64 -7.60
C VAL B 29 -0.20 -14.27 -7.91
N PHE B 30 0.69 -14.92 -7.18
CA PHE B 30 2.13 -14.81 -7.39
C PHE B 30 2.60 -15.66 -8.56
N SER B 31 3.44 -15.09 -9.40
CA SER B 31 3.99 -15.79 -10.55
C SER B 31 5.51 -15.91 -10.45
N PRO B 32 6.00 -17.11 -10.13
CA PRO B 32 7.45 -17.31 -10.02
C PRO B 32 8.15 -16.96 -11.33
N GLN B 33 9.35 -16.38 -11.23
CA GLN B 33 10.12 -15.99 -12.41
C GLN B 33 10.37 -17.18 -13.32
N HIS B 34 10.59 -18.35 -12.73
CA HIS B 34 10.97 -19.53 -13.51
C HIS B 34 9.83 -20.52 -13.73
N CYS B 35 8.61 -20.08 -13.42
CA CYS B 35 7.40 -20.89 -13.57
C CYS B 35 7.36 -21.66 -14.89
N GLY B 36 7.54 -20.94 -16.00
CA GLY B 36 7.44 -21.54 -17.31
C GLY B 36 8.73 -22.20 -17.78
N CYS B 37 9.85 -21.88 -17.11
CA CYS B 37 11.17 -22.36 -17.51
C CYS B 37 11.32 -23.89 -17.53
N ASP B 38 12.12 -24.37 -18.47
CA ASP B 38 12.43 -25.80 -18.60
C ASP B 38 13.79 -26.10 -17.99
N ARG B 39 14.55 -25.04 -17.69
CA ARG B 39 15.90 -25.15 -17.18
C ARG B 39 16.32 -23.85 -16.53
N LEU B 40 17.41 -23.91 -15.77
CA LEU B 40 18.03 -22.69 -15.25
C LEU B 40 19.28 -22.42 -16.08
N THR B 41 19.63 -21.14 -16.23
CA THR B 41 20.81 -20.77 -16.99
C THR B 41 22.00 -20.63 -16.07
N SER B 42 21.87 -19.73 -15.10
CA SER B 42 22.94 -19.50 -14.15
C SER B 42 22.70 -20.27 -12.87
N ILE B 43 23.77 -20.55 -12.16
CA ILE B 43 23.68 -21.18 -10.85
C ILE B 43 23.24 -20.14 -9.82
N ASP B 44 23.25 -18.88 -10.24
CA ASP B 44 22.86 -17.77 -9.37
C ASP B 44 21.35 -17.71 -9.23
N ASP B 45 20.65 -18.31 -10.19
CA ASP B 45 19.20 -18.39 -10.17
C ASP B 45 18.67 -19.51 -9.28
N VAL B 46 19.58 -20.34 -8.75
CA VAL B 46 19.17 -21.54 -8.04
C VAL B 46 18.46 -21.25 -6.72
N ARG B 47 19.02 -20.34 -5.93
CA ARG B 47 18.41 -19.99 -4.65
C ARG B 47 17.08 -19.33 -4.92
N GLN B 48 17.09 -18.36 -5.85
CA GLN B 48 15.92 -17.58 -6.21
C GLN B 48 14.78 -18.45 -6.71
N CYS B 49 15.13 -19.61 -7.25
CA CYS B 49 14.16 -20.50 -7.87
C CYS B 49 13.50 -21.40 -6.84
N LEU B 50 14.33 -22.04 -6.02
CA LEU B 50 13.85 -22.90 -4.95
C LEU B 50 12.98 -22.13 -3.98
N THR B 51 13.41 -20.94 -3.62
CA THR B 51 12.63 -20.10 -2.72
C THR B 51 11.22 -19.86 -3.24
N GLU B 52 11.12 -19.36 -4.48
CA GLU B 52 9.81 -19.04 -5.03
C GLU B 52 8.97 -20.29 -5.25
N TYR B 53 9.63 -21.42 -5.50
CA TYR B 53 8.94 -22.69 -5.64
C TYR B 53 8.21 -23.02 -4.35
N ILE B 54 8.96 -22.99 -3.24
CA ILE B 54 8.41 -23.28 -1.93
C ILE B 54 7.31 -22.32 -1.50
N TYR B 55 7.47 -21.04 -1.82
CA TYR B 55 6.42 -20.07 -1.53
C TYR B 55 5.17 -20.34 -2.37
N TRP B 56 5.38 -20.60 -3.65
CA TRP B 56 4.31 -20.94 -4.58
C TRP B 56 3.56 -22.21 -4.13
N SER B 57 4.25 -23.16 -3.50
CA SER B 57 3.60 -24.37 -2.99
C SER B 57 2.62 -24.12 -1.85
N SER B 58 2.59 -22.89 -1.36
CA SER B 58 1.71 -22.52 -0.23
C SER B 58 0.24 -22.49 -0.65
N TYR B 59 -0.05 -21.88 -1.78
CA TYR B 59 -1.42 -21.63 -2.20
C TYR B 59 -1.49 -21.17 -3.65
N ALA B 60 -0.44 -20.52 -4.13
CA ALA B 60 -0.41 -20.00 -5.49
C ALA B 60 -0.49 -21.11 -6.54
N TYR B 61 -0.22 -22.34 -6.12
CA TYR B 61 -0.14 -23.49 -7.03
C TYR B 61 -1.50 -23.83 -7.63
N ARG B 62 -2.56 -23.34 -7.00
CA ARG B 62 -3.92 -23.67 -7.47
C ARG B 62 -4.41 -22.70 -8.55
N ASN B 63 -3.89 -21.47 -8.54
CA ASN B 63 -4.33 -20.46 -9.50
C ASN B 63 -3.24 -20.06 -10.49
N ARG B 64 -2.07 -20.66 -10.37
CA ARG B 64 -0.97 -20.40 -11.28
C ARG B 64 -0.31 -21.73 -11.63
N GLN B 65 -0.52 -22.19 -12.87
CA GLN B 65 0.08 -23.45 -13.30
C GLN B 65 1.53 -23.24 -13.67
N CYS B 66 2.34 -24.29 -13.58
CA CYS B 66 3.72 -24.22 -14.06
C CYS B 66 4.13 -25.48 -14.83
N ALA B 67 4.00 -25.40 -16.16
CA ALA B 67 4.17 -26.56 -17.02
C ALA B 67 5.63 -26.84 -17.39
N GLY B 68 6.52 -25.92 -17.06
CA GLY B 68 7.93 -26.09 -17.38
C GLY B 68 8.46 -27.46 -16.99
N GLN B 69 9.56 -27.87 -17.63
CA GLN B 69 10.22 -29.10 -17.27
C GLN B 69 10.93 -28.91 -15.93
N LEU B 70 11.23 -27.66 -15.61
CA LEU B 70 11.87 -27.31 -14.35
C LEU B 70 10.96 -27.64 -13.16
N TYR B 71 9.72 -27.17 -13.21
CA TYR B 71 8.76 -27.46 -12.16
C TYR B 71 8.31 -28.92 -12.14
N SER B 72 8.43 -29.59 -13.28
CA SER B 72 8.17 -31.03 -13.32
C SER B 72 9.22 -31.75 -12.48
N THR B 73 10.47 -31.38 -12.69
CA THR B 73 11.58 -31.94 -11.92
C THR B 73 11.44 -31.66 -10.43
N LEU B 74 11.22 -30.41 -10.07
CA LEU B 74 11.08 -30.02 -8.67
C LEU B 74 10.01 -30.85 -7.97
N LEU B 75 8.83 -30.96 -8.57
CA LEU B 75 7.74 -31.70 -7.95
C LEU B 75 8.11 -33.17 -7.75
N SER B 76 8.97 -33.69 -8.62
CA SER B 76 9.39 -35.08 -8.50
C SER B 76 10.33 -35.29 -7.30
N PHE B 77 10.77 -34.20 -6.68
CA PHE B 77 11.61 -34.31 -5.48
C PHE B 77 10.82 -34.87 -4.31
N ARG B 78 9.50 -34.91 -4.44
CA ARG B 78 8.66 -35.58 -3.45
C ARG B 78 9.11 -37.04 -3.33
N ASP B 79 9.55 -37.61 -4.45
CA ASP B 79 10.00 -39.01 -4.47
C ASP B 79 11.29 -39.17 -3.67
N ASP B 80 12.18 -38.20 -3.79
CA ASP B 80 13.43 -38.25 -3.03
C ASP B 80 13.16 -38.02 -1.55
N ALA B 81 12.15 -37.21 -1.25
CA ALA B 81 11.74 -37.00 0.13
C ALA B 81 11.20 -38.30 0.76
N GLU B 82 10.28 -38.96 0.06
CA GLU B 82 9.72 -40.22 0.54
C GLU B 82 10.81 -41.27 0.75
N LEU B 83 11.84 -41.20 -0.07
CA LEU B 83 12.91 -42.16 0.01
C LEU B 83 13.74 -41.95 1.28
N VAL B 84 13.87 -40.69 1.70
CA VAL B 84 14.76 -40.36 2.80
C VAL B 84 14.01 -40.28 4.14
N PHE B 85 12.78 -39.79 4.12
CA PHE B 85 12.01 -39.59 5.34
C PHE B 85 10.90 -40.61 5.50
N ILE B 86 10.89 -41.60 4.61
CA ILE B 86 9.91 -42.68 4.68
C ILE B 86 8.47 -42.17 4.48
N ASP B 87 7.78 -41.82 5.57
CA ASP B 87 6.42 -41.29 5.45
C ASP B 87 6.42 -39.78 5.72
N ILE B 88 6.47 -38.98 4.66
CA ILE B 88 6.55 -37.53 4.83
C ILE B 88 5.24 -36.89 5.29
N ARG B 89 4.11 -37.53 5.00
CA ARG B 89 2.83 -37.03 5.49
C ARG B 89 2.82 -37.02 7.02
N GLU B 90 3.09 -38.18 7.62
CA GLU B 90 3.09 -38.30 9.07
C GLU B 90 4.20 -37.47 9.69
N LEU B 91 5.27 -37.24 8.93
CA LEU B 91 6.40 -36.49 9.44
C LEU B 91 6.11 -35.00 9.48
N VAL B 92 5.42 -34.51 8.46
CA VAL B 92 5.07 -33.10 8.39
C VAL B 92 4.13 -32.71 9.53
N LYS B 93 3.19 -33.58 9.85
CA LYS B 93 2.24 -33.34 10.95
C LYS B 93 2.96 -33.23 12.29
N ASN B 94 3.88 -34.14 12.56
CA ASN B 94 4.64 -34.17 13.81
C ASN B 94 5.55 -32.97 14.03
N PRO B 96 7.79 -29.59 14.48
CA PRO B 96 7.49 -28.28 15.08
C PRO B 96 7.72 -27.16 14.10
N TRP B 97 6.76 -26.94 13.20
CA TRP B 97 6.91 -25.93 12.15
C TRP B 97 6.90 -24.49 12.67
N ASP B 98 6.46 -24.32 13.92
CA ASP B 98 6.53 -23.04 14.61
C ASP B 98 7.97 -22.72 15.03
N ASP B 99 8.84 -23.73 14.96
CA ASP B 99 10.24 -23.59 15.39
C ASP B 99 11.22 -24.06 14.32
N VAL B 100 11.71 -23.12 13.52
CA VAL B 100 12.60 -23.44 12.41
C VAL B 100 13.87 -24.15 12.87
N LYS B 101 14.51 -23.61 13.91
CA LYS B 101 15.74 -24.17 14.42
C LYS B 101 15.60 -25.66 14.75
N ASP B 102 14.49 -25.98 15.42
CA ASP B 102 14.24 -27.34 15.88
C ASP B 102 13.90 -28.27 14.71
N CYS B 103 13.16 -27.76 13.74
CA CYS B 103 12.89 -28.53 12.52
C CYS B 103 14.18 -28.92 11.84
N ALA B 104 15.13 -27.98 11.79
CA ALA B 104 16.42 -28.26 11.18
C ALA B 104 17.14 -29.35 11.96
N GLU B 105 17.01 -29.30 13.28
CA GLU B 105 17.61 -30.33 14.13
C GLU B 105 17.04 -31.71 13.80
N ILE B 106 15.73 -31.76 13.60
CA ILE B 106 15.06 -33.02 13.28
C ILE B 106 15.54 -33.56 11.94
N ILE B 107 15.58 -32.70 10.94
CA ILE B 107 16.09 -33.08 9.62
C ILE B 107 17.49 -33.65 9.71
N ARG B 108 18.36 -32.99 10.47
CA ARG B 108 19.74 -33.46 10.63
C ARG B 108 19.86 -34.82 11.30
N CYS B 109 18.76 -35.35 11.82
CA CYS B 109 18.73 -36.73 12.26
C CYS B 109 18.83 -37.66 11.05
N TYR B 110 18.07 -37.33 10.01
CA TYR B 110 18.07 -38.09 8.77
C TYR B 110 19.29 -37.74 7.91
N ILE B 111 19.57 -36.45 7.76
CA ILE B 111 20.72 -35.98 7.00
C ILE B 111 21.72 -35.25 7.90
N PRO B 112 22.63 -36.01 8.54
CA PRO B 112 23.53 -35.49 9.59
C PRO B 112 24.68 -34.64 9.06
N ASP B 113 25.32 -35.09 7.99
CA ASP B 113 26.56 -34.46 7.55
C ASP B 113 26.33 -33.10 6.91
N GLU B 114 27.36 -32.25 6.99
CA GLU B 114 27.30 -30.95 6.33
C GLU B 114 27.47 -31.14 4.83
N GLN B 115 28.28 -32.11 4.45
CA GLN B 115 28.39 -32.53 3.05
C GLN B 115 27.22 -33.45 2.70
N LYS B 116 26.25 -32.90 1.97
CA LYS B 116 25.06 -33.64 1.58
C LYS B 116 25.15 -34.19 0.16
N THR B 117 24.43 -35.28 -0.10
CA THR B 117 24.39 -35.85 -1.44
C THR B 117 23.23 -35.27 -2.23
N ILE B 118 23.31 -35.34 -3.56
CA ILE B 118 22.29 -34.78 -4.44
C ILE B 118 20.89 -35.33 -4.09
N ARG B 119 20.83 -36.56 -3.61
CA ARG B 119 19.56 -37.15 -3.23
C ARG B 119 19.04 -36.55 -1.92
N GLU B 120 19.95 -36.33 -0.98
CA GLU B 120 19.58 -35.75 0.32
C GLU B 120 19.09 -34.32 0.15
N ILE B 121 19.76 -33.57 -0.72
CA ILE B 121 19.37 -32.19 -1.01
C ILE B 121 17.98 -32.10 -1.65
N SER B 122 17.70 -33.02 -2.58
CA SER B 122 16.39 -33.12 -3.21
C SER B 122 15.33 -33.49 -2.19
N ALA B 123 15.67 -34.43 -1.30
CA ALA B 123 14.77 -34.82 -0.24
C ALA B 123 14.34 -33.61 0.58
N ILE B 124 15.31 -32.77 0.93
CA ILE B 124 15.05 -31.61 1.79
C ILE B 124 14.11 -30.61 1.12
N ILE B 125 14.34 -30.35 -0.16
CA ILE B 125 13.47 -29.48 -0.94
C ILE B 125 12.10 -30.13 -1.07
N GLY B 126 12.10 -31.43 -1.34
CA GLY B 126 10.88 -32.20 -1.49
C GLY B 126 10.01 -32.13 -0.23
N LEU B 127 10.64 -32.33 0.91
CA LEU B 127 9.94 -32.29 2.20
C LEU B 127 9.36 -30.91 2.49
N CYS B 128 10.15 -29.87 2.24
CA CYS B 128 9.74 -28.50 2.58
C CYS B 128 8.59 -28.04 1.69
N ALA B 129 8.60 -28.46 0.42
CA ALA B 129 7.52 -28.11 -0.51
C ALA B 129 6.23 -28.83 -0.13
N TYR B 130 6.35 -30.05 0.36
CA TYR B 130 5.17 -30.77 0.81
C TYR B 130 4.61 -30.11 2.08
N ALA B 131 5.50 -29.79 3.01
CA ALA B 131 5.09 -29.10 4.23
C ALA B 131 4.37 -27.80 3.91
N ALA B 132 4.88 -27.10 2.90
CA ALA B 132 4.34 -25.81 2.53
C ALA B 132 2.92 -25.95 1.97
N THR B 133 2.69 -27.03 1.23
CA THR B 133 1.36 -27.28 0.67
C THR B 133 0.40 -27.75 1.77
N TYR B 134 0.90 -28.63 2.65
CA TYR B 134 0.11 -29.11 3.77
C TYR B 134 -0.40 -27.97 4.65
N TRP B 135 0.48 -27.03 4.96
CA TRP B 135 0.18 -25.99 5.95
C TRP B 135 -0.45 -24.72 5.38
N GLY B 136 -0.41 -24.58 4.06
CA GLY B 136 -0.98 -23.40 3.42
C GLY B 136 -2.48 -23.32 3.56
N GLY B 137 -3.03 -22.12 3.35
CA GLY B 137 -4.48 -21.92 3.35
C GLY B 137 -5.06 -22.01 1.96
N GLU B 138 -6.23 -21.43 1.75
CA GLU B 138 -6.81 -21.43 0.41
C GLU B 138 -6.27 -20.27 -0.43
N ASP B 139 -6.45 -19.06 0.08
CA ASP B 139 -6.04 -17.85 -0.63
C ASP B 139 -4.88 -17.14 0.07
N HIS B 140 -4.42 -17.69 1.18
CA HIS B 140 -3.31 -17.11 1.92
C HIS B 140 -2.36 -18.17 2.45
N PRO B 141 -1.07 -17.83 2.58
CA PRO B 141 -0.10 -18.65 3.29
C PRO B 141 -0.31 -18.53 4.80
N THR B 142 0.33 -19.42 5.56
CA THR B 142 0.24 -19.41 7.01
C THR B 142 1.62 -19.28 7.61
N SER B 143 1.69 -19.00 8.91
CA SER B 143 2.97 -18.91 9.60
C SER B 143 3.78 -20.19 9.39
N ASN B 144 3.10 -21.33 9.46
CA ASN B 144 3.76 -22.61 9.31
C ASN B 144 4.26 -22.86 7.91
N SER B 145 3.43 -22.50 6.91
CA SER B 145 3.81 -22.73 5.52
C SER B 145 5.01 -21.87 5.14
N LEU B 146 5.08 -20.66 5.68
CA LEU B 146 6.23 -19.79 5.46
C LEU B 146 7.46 -20.39 6.12
N ASN B 147 7.29 -20.90 7.33
CA ASN B 147 8.41 -21.49 8.07
C ASN B 147 9.05 -22.65 7.34
N ALA B 148 8.27 -23.35 6.52
CA ALA B 148 8.80 -24.44 5.69
C ALA B 148 9.86 -23.89 4.75
N LEU B 149 9.63 -22.69 4.26
CA LEU B 149 10.56 -21.98 3.41
C LEU B 149 11.87 -21.71 4.15
N PHE B 150 11.77 -21.30 5.41
CA PHE B 150 12.95 -20.93 6.18
C PHE B 150 13.71 -22.13 6.71
N VAL B 151 13.00 -23.24 6.90
CA VAL B 151 13.65 -24.49 7.28
C VAL B 151 14.61 -24.89 6.15
N LEU B 153 16.04 -22.95 3.89
CA LEU B 153 17.14 -22.01 3.87
C LEU B 153 18.14 -22.33 4.97
N GLU B 154 17.63 -22.71 6.13
CA GLU B 154 18.49 -23.11 7.25
C GLU B 154 19.37 -24.29 6.85
N LEU B 156 20.24 -25.55 3.61
CA LEU B 156 21.10 -25.52 2.43
C LEU B 156 22.12 -24.41 2.42
N ASN B 157 23.38 -24.78 2.15
CA ASN B 157 24.47 -23.82 1.94
C ASN B 157 24.78 -23.66 0.45
N TYR B 158 25.76 -22.84 0.12
CA TYR B 158 26.06 -22.55 -1.28
C TYR B 158 26.59 -23.79 -2.04
N VAL B 159 27.31 -24.65 -1.34
CA VAL B 159 27.83 -25.86 -1.97
C VAL B 159 26.68 -26.80 -2.33
N ASP B 160 25.61 -26.75 -1.56
CA ASP B 160 24.43 -27.57 -1.84
C ASP B 160 23.70 -27.05 -3.08
N TYR B 161 23.70 -25.74 -3.26
CA TYR B 161 23.05 -25.16 -4.43
C TYR B 161 23.75 -25.52 -5.74
N ASN B 162 25.07 -25.72 -5.69
CA ASN B 162 25.83 -26.11 -6.88
C ASN B 162 25.47 -27.50 -7.34
N ILE B 163 25.18 -28.36 -6.37
CA ILE B 163 24.89 -29.76 -6.64
C ILE B 163 23.49 -29.93 -7.18
N ILE B 164 22.51 -29.39 -6.47
CA ILE B 164 21.11 -29.53 -6.88
C ILE B 164 20.89 -28.81 -8.19
N PHE B 165 21.79 -27.89 -8.50
CA PHE B 165 21.74 -27.20 -9.80
C PHE B 165 21.82 -28.20 -10.95
N ARG B 166 22.46 -29.33 -10.72
CA ARG B 166 22.64 -30.34 -11.78
C ARG B 166 21.35 -31.08 -12.13
N ARG B 167 20.32 -30.94 -11.30
CA ARG B 167 19.02 -31.52 -11.62
C ARG B 167 18.12 -30.50 -12.30
N ASN B 169 19.33 -28.50 -14.60
CA ASN B 169 20.15 -28.27 -15.78
C ASN B 169 21.59 -27.96 -15.42
N HIS C 28 9.73 14.41 -2.61
CA HIS C 28 8.72 14.06 -3.59
C HIS C 28 7.34 14.61 -3.21
N VAL C 29 6.93 15.66 -3.90
CA VAL C 29 5.69 16.38 -3.58
C VAL C 29 4.69 16.25 -4.73
N PHE C 30 3.44 16.63 -4.50
CA PHE C 30 2.44 16.64 -5.56
C PHE C 30 2.77 17.69 -6.62
N SER C 31 2.73 17.26 -7.88
CA SER C 31 2.99 18.16 -9.00
C SER C 31 1.78 18.32 -9.90
N PRO C 32 1.10 19.45 -9.81
CA PRO C 32 -0.07 19.70 -10.66
C PRO C 32 0.27 19.59 -12.15
N GLN C 33 -0.64 19.02 -12.93
CA GLN C 33 -0.43 18.85 -14.36
C GLN C 33 -0.11 20.18 -15.04
N HIS C 34 -0.76 21.25 -14.57
CA HIS C 34 -0.65 22.54 -15.23
C HIS C 34 0.27 23.52 -14.50
N CYS C 35 1.03 23.00 -13.54
CA CYS C 35 1.98 23.78 -12.74
C CYS C 35 2.80 24.75 -13.60
N GLY C 36 3.45 24.23 -14.62
CA GLY C 36 4.31 25.05 -15.46
C GLY C 36 3.57 25.81 -16.54
N CYS C 37 2.34 25.42 -16.83
CA CYS C 37 1.57 26.00 -17.93
C CYS C 37 1.34 27.51 -17.83
N ASP C 38 1.29 28.17 -18.99
CA ASP C 38 1.02 29.60 -19.09
C ASP C 38 -0.42 29.83 -19.49
N ARG C 39 -1.07 28.76 -19.93
CA ARG C 39 -2.46 28.82 -20.38
C ARG C 39 -3.09 27.44 -20.35
N LEU C 40 -4.41 27.41 -20.48
CA LEU C 40 -5.11 26.14 -20.69
C LEU C 40 -5.49 26.06 -22.16
N THR C 41 -5.56 24.83 -22.69
CA THR C 41 -5.93 24.62 -24.08
C THR C 41 -7.42 24.37 -24.18
N SER C 42 -7.87 23.31 -23.52
CA SER C 42 -9.27 22.96 -23.54
C SER C 42 -9.98 23.51 -22.30
N ILE C 43 -11.29 23.71 -22.43
CA ILE C 43 -12.12 24.11 -21.33
C ILE C 43 -12.37 22.91 -20.43
N ASP C 44 -11.99 21.73 -20.92
CA ASP C 44 -12.17 20.48 -20.19
C ASP C 44 -11.11 20.34 -19.11
N ASP C 45 -10.02 21.08 -19.27
CA ASP C 45 -8.94 21.11 -18.30
C ASP C 45 -9.23 22.06 -17.12
N VAL C 46 -10.33 22.81 -17.21
CA VAL C 46 -10.58 23.88 -16.24
C VAL C 46 -10.86 23.33 -14.83
N ARG C 47 -11.69 22.29 -14.73
CA ARG C 47 -12.03 21.72 -13.44
C ARG C 47 -10.84 21.00 -12.82
N GLN C 48 -10.14 20.21 -13.63
CA GLN C 48 -8.97 19.52 -13.15
C GLN C 48 -7.93 20.52 -12.65
N CYS C 49 -7.85 21.67 -13.29
CA CYS C 49 -6.80 22.66 -12.97
C CYS C 49 -7.07 23.35 -11.66
N LEU C 50 -8.28 23.87 -11.51
CA LEU C 50 -8.67 24.56 -10.29
C LEU C 50 -8.59 23.63 -9.08
N THR C 51 -9.01 22.38 -9.28
CA THR C 51 -8.96 21.39 -8.22
C THR C 51 -7.54 21.22 -7.71
N GLU C 52 -6.61 20.93 -8.62
CA GLU C 52 -5.24 20.66 -8.25
C GLU C 52 -4.56 21.90 -7.68
N TYR C 53 -4.99 23.07 -8.14
CA TYR C 53 -4.49 24.33 -7.60
C TYR C 53 -4.83 24.44 -6.12
N ILE C 54 -6.10 24.22 -5.80
CA ILE C 54 -6.55 24.29 -4.41
C ILE C 54 -5.92 23.24 -3.53
N TYR C 55 -5.71 22.04 -4.07
CA TYR C 55 -5.05 21.00 -3.29
C TYR C 55 -3.60 21.38 -3.04
N TRP C 56 -2.96 21.88 -4.09
CA TRP C 56 -1.57 22.31 -4.05
C TRP C 56 -1.37 23.46 -3.04
N SER C 57 -2.38 24.31 -2.88
CA SER C 57 -2.33 25.40 -1.90
C SER C 57 -2.29 24.91 -0.45
N SER C 58 -2.48 23.62 -0.25
CA SER C 58 -2.53 23.05 1.10
C SER C 58 -1.16 23.06 1.75
N TYR C 59 -0.15 22.64 1.01
CA TYR C 59 1.18 22.43 1.56
C TYR C 59 2.22 22.21 0.46
N ALA C 60 1.78 21.69 -0.68
CA ALA C 60 2.67 21.39 -1.79
C ALA C 60 3.35 22.64 -2.35
N TYR C 61 2.76 23.80 -2.04
CA TYR C 61 3.21 25.07 -2.60
C TYR C 61 4.58 25.48 -2.11
N ARG C 62 5.02 24.94 -0.97
CA ARG C 62 6.30 25.33 -0.41
C ARG C 62 7.44 24.47 -0.95
N ASN C 63 7.09 23.34 -1.57
CA ASN C 63 8.08 22.43 -2.11
C ASN C 63 8.03 22.30 -3.63
N ARG C 64 6.95 22.78 -4.24
CA ARG C 64 6.90 22.87 -5.69
C ARG C 64 6.51 24.27 -6.14
N GLN C 65 7.42 24.95 -6.83
CA GLN C 65 7.15 26.28 -7.33
C GLN C 65 6.49 26.20 -8.72
N CYS C 66 5.47 27.03 -8.93
CA CYS C 66 4.78 27.05 -10.20
C CYS C 66 4.87 28.43 -10.88
N ALA C 67 5.82 28.56 -11.79
CA ALA C 67 6.16 29.85 -12.38
C ALA C 67 5.28 30.23 -13.56
N GLY C 68 4.47 29.29 -14.03
CA GLY C 68 3.61 29.55 -15.17
C GLY C 68 2.84 30.84 -15.05
N GLN C 69 2.40 31.39 -16.18
CA GLN C 69 1.54 32.57 -16.16
C GLN C 69 0.16 32.19 -15.66
N LEU C 70 -0.18 30.91 -15.80
CA LEU C 70 -1.44 30.38 -15.33
C LEU C 70 -1.55 30.49 -13.81
N TYR C 71 -0.54 30.00 -13.10
CA TYR C 71 -0.54 30.08 -11.65
C TYR C 71 -0.33 31.51 -11.14
N SER C 72 0.26 32.36 -11.98
CA SER C 72 0.37 33.77 -11.63
C SER C 72 -1.03 34.38 -11.58
N THR C 73 -1.83 34.07 -12.59
CA THR C 73 -3.19 34.55 -12.68
C THR C 73 -4.02 34.03 -11.52
N LEU C 74 -3.98 32.71 -11.29
CA LEU C 74 -4.74 32.10 -10.20
C LEU C 74 -4.47 32.78 -8.85
N LEU C 75 -3.20 32.93 -8.53
CA LEU C 75 -2.83 33.55 -7.25
C LEU C 75 -3.37 34.97 -7.14
N SER C 76 -3.49 35.66 -8.27
CA SER C 76 -4.02 37.03 -8.26
C SER C 76 -5.52 37.05 -7.92
N PHE C 77 -6.16 35.88 -7.92
CA PHE C 77 -7.58 35.81 -7.58
C PHE C 77 -7.81 36.18 -6.10
N ARG C 78 -6.72 36.20 -5.34
CA ARG C 78 -6.80 36.67 -3.96
C ARG C 78 -7.33 38.10 -3.96
N ASP C 79 -6.97 38.86 -4.99
CA ASP C 79 -7.41 40.24 -5.10
C ASP C 79 -8.92 40.32 -5.31
N ASP C 80 -9.44 39.40 -6.11
CA ASP C 80 -10.87 39.36 -6.38
C ASP C 80 -11.62 38.88 -5.15
N ALA C 81 -10.98 38.02 -4.37
CA ALA C 81 -11.53 37.57 -3.09
C ALA C 81 -11.67 38.74 -2.10
N GLU C 82 -10.58 39.48 -1.90
CA GLU C 82 -10.56 40.62 -1.00
C GLU C 82 -11.62 41.64 -1.42
N LEU C 83 -11.84 41.75 -2.72
CA LEU C 83 -12.78 42.73 -3.24
C LEU C 83 -14.22 42.34 -2.88
N VAL C 84 -14.50 41.04 -2.85
CA VAL C 84 -15.85 40.55 -2.63
C VAL C 84 -16.16 40.23 -1.16
N PHE C 85 -15.18 39.71 -0.44
CA PHE C 85 -15.38 39.30 0.95
C PHE C 85 -14.72 40.26 1.94
N ILE C 86 -14.20 41.36 1.43
CA ILE C 86 -13.60 42.40 2.27
C ILE C 86 -12.35 41.89 2.99
N ASP C 87 -12.49 41.33 4.19
CA ASP C 87 -11.35 40.79 4.91
C ASP C 87 -11.40 39.25 4.91
N ILE C 88 -10.68 38.64 3.97
CA ILE C 88 -10.73 37.18 3.84
C ILE C 88 -10.00 36.45 4.96
N ARG C 89 -9.00 37.09 5.57
CA ARG C 89 -8.31 36.47 6.70
C ARG C 89 -9.29 36.22 7.85
N GLU C 90 -9.98 37.26 8.28
CA GLU C 90 -10.93 37.16 9.37
C GLU C 90 -12.12 36.28 9.00
N LEU C 91 -12.43 36.22 7.70
CA LEU C 91 -13.54 35.41 7.22
C LEU C 91 -13.22 33.92 7.22
N VAL C 92 -11.99 33.59 6.85
CA VAL C 92 -11.57 32.20 6.84
C VAL C 92 -11.56 31.60 8.23
N LYS C 93 -11.13 32.38 9.21
CA LYS C 93 -11.11 31.92 10.60
C LYS C 93 -12.51 31.61 11.11
N ASN C 94 -13.46 32.50 10.83
CA ASN C 94 -14.84 32.35 11.29
C ASN C 94 -15.57 31.16 10.68
N PRO C 96 -17.28 27.83 9.09
CA PRO C 96 -17.33 26.44 9.54
C PRO C 96 -16.76 25.49 8.51
N TRP C 97 -15.43 25.41 8.42
CA TRP C 97 -14.80 24.56 7.40
C TRP C 97 -15.02 23.06 7.60
N ASP C 98 -15.48 22.68 8.77
CA ASP C 98 -15.88 21.30 9.04
C ASP C 98 -17.20 20.98 8.37
N ASP C 99 -17.89 22.01 7.88
CA ASP C 99 -19.22 21.84 7.28
C ASP C 99 -19.30 22.51 5.92
N VAL C 100 -19.07 21.72 4.87
CA VAL C 100 -19.05 22.24 3.51
C VAL C 100 -20.38 22.91 3.12
N LYS C 101 -21.49 22.23 3.39
CA LYS C 101 -22.81 22.75 3.05
C LYS C 101 -23.04 24.15 3.61
N ASP C 102 -22.66 24.32 4.87
CA ASP C 102 -22.87 25.57 5.58
C ASP C 102 -21.95 26.66 5.07
N CYS C 103 -20.71 26.29 4.74
CA CYS C 103 -19.78 27.24 4.13
C CYS C 103 -20.34 27.79 2.83
N ALA C 104 -20.91 26.91 2.02
CA ALA C 104 -21.54 27.34 0.77
C ALA C 104 -22.68 28.30 1.05
N GLU C 105 -23.43 28.04 2.12
CA GLU C 105 -24.52 28.93 2.50
C GLU C 105 -24.01 30.33 2.83
N ILE C 106 -22.88 30.37 3.52
CA ILE C 106 -22.28 31.63 3.91
C ILE C 106 -21.82 32.40 2.69
N ILE C 107 -21.11 31.72 1.80
CA ILE C 107 -20.67 32.31 0.54
C ILE C 107 -21.85 32.91 -0.22
N ARG C 108 -22.94 32.16 -0.32
CA ARG C 108 -24.13 32.63 -1.04
C ARG C 108 -24.77 33.88 -0.44
N CYS C 109 -24.31 34.30 0.74
CA CYS C 109 -24.71 35.59 1.28
C CYS C 109 -24.07 36.70 0.43
N TYR C 110 -22.79 36.51 0.12
CA TYR C 110 -22.06 37.47 -0.68
C TYR C 110 -22.37 37.30 -2.18
N ILE C 111 -22.37 36.06 -2.65
CA ILE C 111 -22.70 35.74 -4.04
C ILE C 111 -24.00 34.91 -4.12
N PRO C 112 -25.17 35.57 -4.12
CA PRO C 112 -26.48 34.92 -4.01
C PRO C 112 -26.94 34.21 -5.28
N ASP C 113 -26.75 34.85 -6.43
CA ASP C 113 -27.35 34.34 -7.66
C ASP C 113 -26.66 33.09 -8.19
N GLU C 114 -27.41 32.28 -8.93
CA GLU C 114 -26.83 31.10 -9.55
C GLU C 114 -25.99 31.52 -10.74
N GLN C 115 -26.45 32.57 -11.43
CA GLN C 115 -25.66 33.20 -12.47
C GLN C 115 -24.62 34.12 -11.84
N LYS C 116 -23.36 33.68 -11.83
CA LYS C 116 -22.28 34.46 -11.22
C LYS C 116 -21.48 35.22 -12.26
N THR C 117 -20.86 36.32 -11.85
CA THR C 117 -19.99 37.09 -12.73
C THR C 117 -18.54 36.60 -12.64
N ILE C 118 -17.74 36.91 -13.67
CA ILE C 118 -16.36 36.46 -13.73
C ILE C 118 -15.57 36.91 -12.50
N ARG C 119 -15.92 38.05 -11.93
CA ARG C 119 -15.26 38.53 -10.72
C ARG C 119 -15.69 37.71 -9.49
N GLU C 120 -16.98 37.39 -9.40
CA GLU C 120 -17.50 36.58 -8.29
C GLU C 120 -16.89 35.17 -8.30
N ILE C 121 -16.75 34.61 -9.49
CA ILE C 121 -16.17 33.27 -9.64
C ILE C 121 -14.71 33.25 -9.22
N SER C 122 -13.98 34.30 -9.58
CA SER C 122 -12.58 34.44 -9.19
C SER C 122 -12.47 34.61 -7.67
N ALA C 123 -13.37 35.41 -7.12
CA ALA C 123 -13.43 35.59 -5.67
C ALA C 123 -13.54 34.26 -4.97
N ILE C 124 -14.44 33.40 -5.45
CA ILE C 124 -14.69 32.10 -4.82
C ILE C 124 -13.46 31.19 -4.84
N ILE C 125 -12.79 31.14 -5.98
CA ILE C 125 -11.55 30.37 -6.11
C ILE C 125 -10.48 30.99 -5.23
N GLY C 126 -10.44 32.33 -5.23
CA GLY C 126 -9.47 33.07 -4.45
C GLY C 126 -9.62 32.78 -2.97
N LEU C 127 -10.86 32.80 -2.50
CA LEU C 127 -11.15 32.56 -1.08
C LEU C 127 -10.78 31.13 -0.68
N CYS C 128 -11.13 30.16 -1.52
CA CYS C 128 -10.93 28.75 -1.20
C CYS C 128 -9.44 28.39 -1.18
N ALA C 129 -8.67 29.01 -2.06
CA ALA C 129 -7.22 28.78 -2.09
C ALA C 129 -6.57 29.37 -0.84
N TYR C 130 -7.07 30.51 -0.39
CA TYR C 130 -6.53 31.13 0.81
C TYR C 130 -6.86 30.26 2.02
N ALA C 131 -8.10 29.81 2.09
CA ALA C 131 -8.53 28.94 3.16
C ALA C 131 -7.68 27.66 3.20
N ALA C 132 -7.35 27.14 2.02
CA ALA C 132 -6.59 25.91 1.92
C ALA C 132 -5.17 26.11 2.46
N THR C 133 -4.61 27.28 2.21
CA THR C 133 -3.26 27.59 2.70
C THR C 133 -3.30 27.84 4.20
N TYR C 134 -4.32 28.57 4.65
CA TYR C 134 -4.48 28.86 6.07
C TYR C 134 -4.57 27.58 6.90
N TRP C 135 -5.36 26.62 6.42
CA TRP C 135 -5.69 25.43 7.20
C TRP C 135 -4.74 24.26 7.02
N GLY C 136 -3.91 24.33 5.99
CA GLY C 136 -2.97 23.25 5.70
C GLY C 136 -1.91 23.11 6.78
N GLY C 137 -1.27 21.93 6.80
CA GLY C 137 -0.09 21.69 7.64
C GLY C 137 1.19 21.95 6.86
N GLU C 138 2.32 21.58 7.43
CA GLU C 138 3.62 21.87 6.80
C GLU C 138 4.02 20.83 5.74
N ASP C 139 3.54 19.59 5.92
CA ASP C 139 3.86 18.52 4.99
C ASP C 139 2.63 17.65 4.70
N HIS C 140 1.53 17.95 5.39
CA HIS C 140 0.31 17.18 5.25
C HIS C 140 -0.91 18.10 5.27
N PRO C 141 -1.85 17.87 4.35
CA PRO C 141 -3.13 18.59 4.36
C PRO C 141 -3.95 18.23 5.60
N THR C 142 -5.00 18.99 5.87
CA THR C 142 -5.87 18.74 7.01
C THR C 142 -7.30 18.54 6.53
N SER C 143 -8.16 18.05 7.39
CA SER C 143 -9.56 17.90 7.04
C SER C 143 -10.15 19.23 6.55
N ASN C 144 -9.78 20.32 7.23
CA ASN C 144 -10.30 21.63 6.86
C ASN C 144 -9.78 22.11 5.53
N SER C 145 -8.49 21.91 5.29
CA SER C 145 -7.87 22.37 4.04
C SER C 145 -8.46 21.63 2.84
N LEU C 146 -8.75 20.34 3.03
CA LEU C 146 -9.43 19.56 2.00
C LEU C 146 -10.84 20.09 1.76
N ASN C 147 -11.54 20.39 2.86
CA ASN C 147 -12.92 20.87 2.75
C ASN C 147 -13.02 22.17 1.94
N ALA C 148 -11.97 22.97 1.95
CA ALA C 148 -11.92 24.19 1.15
C ALA C 148 -12.06 23.85 -0.32
N LEU C 149 -11.46 22.73 -0.70
CA LEU C 149 -11.54 22.20 -2.05
C LEU C 149 -12.99 21.85 -2.41
N PHE C 150 -13.70 21.25 -1.46
CA PHE C 150 -15.07 20.79 -1.71
C PHE C 150 -16.07 21.90 -1.64
N VAL C 151 -15.73 22.95 -0.90
CA VAL C 151 -16.58 24.14 -0.86
C VAL C 151 -16.64 24.74 -2.25
N LEU C 153 -16.06 23.25 -5.13
CA LEU C 153 -16.82 22.35 -6.00
C LEU C 153 -18.33 22.53 -5.80
N GLU C 154 -18.73 22.73 -4.56
CA GLU C 154 -20.13 22.95 -4.23
C GLU C 154 -20.65 24.23 -4.91
N LEU C 156 -19.31 25.99 -7.72
CA LEU C 156 -19.19 26.20 -9.16
C LEU C 156 -19.85 25.13 -10.00
N ASN C 157 -20.65 25.57 -10.97
CA ASN C 157 -21.25 24.70 -11.99
C ASN C 157 -20.50 24.79 -13.32
N TYR C 158 -20.96 24.06 -14.32
CA TYR C 158 -20.25 24.01 -15.60
C TYR C 158 -20.25 25.34 -16.33
N VAL C 159 -21.32 26.11 -16.17
CA VAL C 159 -21.41 27.43 -16.79
C VAL C 159 -20.39 28.39 -16.18
N ASP C 160 -20.08 28.17 -14.91
CA ASP C 160 -19.08 28.99 -14.23
C ASP C 160 -17.69 28.67 -14.78
N TYR C 161 -17.45 27.40 -15.07
CA TYR C 161 -16.15 26.99 -15.59
C TYR C 161 -15.86 27.58 -16.98
N ASN C 162 -16.90 27.79 -17.78
CA ASN C 162 -16.73 28.40 -19.11
C ASN C 162 -16.29 29.84 -19.01
N ILE C 163 -16.77 30.51 -17.96
CA ILE C 163 -16.50 31.92 -17.76
C ILE C 163 -15.11 32.14 -17.22
N ILE C 164 -14.78 31.44 -16.13
CA ILE C 164 -13.48 31.62 -15.51
C ILE C 164 -12.38 31.13 -16.44
N PHE C 165 -12.78 30.30 -17.40
CA PHE C 165 -11.86 29.82 -18.41
C PHE C 165 -11.22 30.99 -19.20
N ARG C 166 -11.96 32.11 -19.30
CA ARG C 166 -11.48 33.26 -20.05
C ARG C 166 -10.35 34.01 -19.36
N ARG C 167 -10.10 33.69 -18.09
CA ARG C 167 -8.96 34.27 -17.36
C ARG C 167 -7.75 33.34 -17.42
N ASN C 169 -7.00 31.83 -20.24
CA ASN C 169 -6.85 31.81 -21.68
C ASN C 169 -8.15 31.49 -22.39
N HIS D 28 -9.77 -12.77 3.37
CA HIS D 28 -8.84 -13.72 3.96
C HIS D 28 -7.39 -13.42 3.60
N VAL D 29 -6.74 -12.56 4.36
CA VAL D 29 -5.35 -12.24 4.11
C VAL D 29 -4.47 -12.70 5.28
N PHE D 30 -3.21 -12.98 5.00
CA PHE D 30 -2.29 -13.49 6.02
C PHE D 30 -2.43 -12.72 7.33
N SER D 31 -2.55 -13.45 8.43
CA SER D 31 -2.67 -12.84 9.75
C SER D 31 -1.49 -13.23 10.65
N PRO D 32 -0.55 -12.30 10.85
CA PRO D 32 0.60 -12.59 11.71
C PRO D 32 0.16 -13.00 13.12
N GLN D 33 0.89 -13.93 13.72
CA GLN D 33 0.56 -14.42 15.05
C GLN D 33 0.53 -13.29 16.06
N HIS D 34 1.42 -12.32 15.89
CA HIS D 34 1.58 -11.27 16.88
C HIS D 34 0.94 -9.95 16.47
N CYS D 35 0.13 -10.00 15.42
CA CYS D 35 -0.55 -8.83 14.86
C CYS D 35 -1.16 -7.94 15.94
N GLY D 36 -1.97 -8.55 16.81
CA GLY D 36 -2.66 -7.79 17.84
C GLY D 36 -1.83 -7.54 19.09
N CYS D 37 -0.73 -8.28 19.24
CA CYS D 37 0.09 -8.20 20.44
C CYS D 37 0.68 -6.81 20.73
N ASP D 38 0.81 -6.52 22.02
CA ASP D 38 1.41 -5.28 22.51
C ASP D 38 2.84 -5.52 22.94
N ARG D 39 3.21 -6.78 23.05
CA ARG D 39 4.53 -7.17 23.50
C ARG D 39 4.83 -8.61 23.09
N LEU D 40 6.10 -8.98 23.21
CA LEU D 40 6.47 -10.37 23.06
C LEU D 40 6.77 -10.95 24.44
N THR D 41 6.50 -12.24 24.61
CA THR D 41 6.75 -12.89 25.90
C THR D 41 8.13 -13.52 25.92
N SER D 42 8.36 -14.43 24.98
CA SER D 42 9.63 -15.11 24.88
C SER D 42 10.51 -14.43 23.85
N ILE D 43 11.82 -14.59 24.01
CA ILE D 43 12.77 -14.12 23.04
C ILE D 43 12.78 -15.07 21.84
N ASP D 44 12.11 -16.21 22.01
CA ASP D 44 12.04 -17.22 20.97
C ASP D 44 11.04 -16.81 19.89
N ASP D 45 10.14 -15.92 20.26
CA ASP D 45 9.15 -15.38 19.34
C ASP D 45 9.71 -14.26 18.46
N VAL D 46 10.94 -13.83 18.74
CA VAL D 46 11.48 -12.65 18.08
C VAL D 46 11.74 -12.85 16.58
N ARG D 47 12.35 -13.96 16.23
CA ARG D 47 12.66 -14.27 14.84
C ARG D 47 11.37 -14.48 14.05
N GLN D 48 10.42 -15.20 14.66
CA GLN D 48 9.14 -15.48 14.02
C GLN D 48 8.37 -14.19 13.76
N CYS D 49 8.48 -13.25 14.71
CA CYS D 49 7.71 -12.02 14.68
C CYS D 49 8.19 -11.10 13.58
N LEU D 50 9.50 -10.87 13.54
CA LEU D 50 10.11 -10.00 12.54
C LEU D 50 9.87 -10.55 11.14
N THR D 51 10.01 -11.85 10.98
CA THR D 51 9.76 -12.48 9.71
C THR D 51 8.34 -12.19 9.20
N GLU D 52 7.34 -12.47 10.01
CA GLU D 52 5.96 -12.29 9.58
C GLU D 52 5.62 -10.82 9.39
N TYR D 53 6.28 -9.95 10.15
CA TYR D 53 6.12 -8.52 9.96
C TYR D 53 6.55 -8.11 8.56
N ILE D 54 7.76 -8.54 8.16
CA ILE D 54 8.29 -8.22 6.85
C ILE D 54 7.48 -8.83 5.71
N TYR D 55 6.98 -10.04 5.90
CA TYR D 55 6.10 -10.63 4.89
C TYR D 55 4.78 -9.85 4.78
N TRP D 56 4.21 -9.53 5.94
CA TRP D 56 2.98 -8.78 6.03
C TRP D 56 3.10 -7.39 5.37
N SER D 57 4.29 -6.79 5.44
CA SER D 57 4.56 -5.50 4.78
C SER D 57 4.51 -5.57 3.25
N SER D 58 4.39 -6.77 2.69
CA SER D 58 4.37 -6.95 1.24
C SER D 58 3.07 -6.47 0.62
N TYR D 59 1.96 -6.83 1.25
CA TYR D 59 0.64 -6.56 0.68
C TYR D 59 -0.47 -6.79 1.70
N ALA D 60 -0.22 -7.67 2.67
CA ALA D 60 -1.24 -8.03 3.66
C ALA D 60 -1.61 -6.84 4.54
N TYR D 61 -0.74 -5.84 4.55
CA TYR D 61 -0.90 -4.68 5.42
C TYR D 61 -2.12 -3.84 5.04
N ARG D 62 -2.62 -4.04 3.83
CA ARG D 62 -3.72 -3.23 3.33
C ARG D 62 -5.11 -3.86 3.48
N ASN D 63 -5.17 -5.09 3.99
CA ASN D 63 -6.44 -5.74 4.27
C ASN D 63 -6.44 -6.46 5.62
N ARG D 64 -5.39 -6.21 6.39
CA ARG D 64 -5.26 -6.76 7.73
C ARG D 64 -4.48 -5.75 8.55
N GLN D 65 -5.19 -5.00 9.39
CA GLN D 65 -4.55 -3.95 10.18
C GLN D 65 -4.05 -4.52 11.51
N CYS D 66 -2.98 -3.95 12.04
CA CYS D 66 -2.38 -4.43 13.30
C CYS D 66 -2.20 -3.31 14.33
N ALA D 67 -3.14 -3.20 15.26
CA ALA D 67 -3.19 -2.07 16.18
C ALA D 67 -2.30 -2.23 17.41
N GLY D 68 -1.76 -3.42 17.61
CA GLY D 68 -0.91 -3.67 18.76
C GLY D 68 0.15 -2.61 18.97
N GLN D 69 0.64 -2.50 20.20
CA GLN D 69 1.75 -1.60 20.49
C GLN D 69 3.02 -2.17 19.87
N LEU D 70 3.03 -3.47 19.65
CA LEU D 70 4.16 -4.15 19.05
C LEU D 70 4.38 -3.68 17.61
N TYR D 71 3.31 -3.69 16.82
CA TYR D 71 3.42 -3.25 15.44
C TYR D 71 3.57 -1.73 15.33
N SER D 72 3.15 -1.01 16.36
CA SER D 72 3.40 0.42 16.42
C SER D 72 4.90 0.66 16.52
N THR D 73 5.55 -0.08 17.41
CA THR D 73 6.99 0.02 17.60
C THR D 73 7.74 -0.35 16.33
N LEU D 74 7.41 -1.50 15.76
CA LEU D 74 8.05 -1.98 14.53
C LEU D 74 8.00 -0.94 13.41
N LEU D 75 6.83 -0.40 13.15
CA LEU D 75 6.67 0.60 12.10
C LEU D 75 7.54 1.84 12.35
N SER D 76 7.75 2.16 13.62
CA SER D 76 8.60 3.30 13.97
C SER D 76 10.07 3.05 13.67
N PHE D 77 10.42 1.81 13.31
CA PHE D 77 11.80 1.49 12.95
C PHE D 77 12.18 2.15 11.63
N ARG D 78 11.18 2.63 10.89
CA ARG D 78 11.44 3.43 9.70
C ARG D 78 12.27 4.65 10.07
N ASP D 79 12.05 5.16 11.28
CA ASP D 79 12.82 6.31 11.75
C ASP D 79 14.27 5.96 11.95
N ASP D 80 14.52 4.77 12.46
CA ASP D 80 15.89 4.32 12.70
C ASP D 80 16.57 4.04 11.37
N ALA D 81 15.79 3.58 10.39
CA ALA D 81 16.31 3.36 9.04
C ALA D 81 16.76 4.67 8.39
N GLU D 82 15.88 5.67 8.39
CA GLU D 82 16.19 7.00 7.85
C GLU D 82 17.41 7.59 8.53
N LEU D 83 17.58 7.30 9.81
CA LEU D 83 18.69 7.86 10.55
C LEU D 83 20.02 7.25 10.09
N VAL D 84 19.97 5.97 9.71
CA VAL D 84 21.19 5.23 9.34
C VAL D 84 21.49 5.27 7.83
N PHE D 85 20.44 5.19 7.02
CA PHE D 85 20.62 5.12 5.56
C PHE D 85 20.27 6.43 4.88
N ILE D 86 20.00 7.46 5.67
CA ILE D 86 19.69 8.78 5.14
C ILE D 86 18.40 8.79 4.32
N ASP D 87 18.49 8.57 3.02
CA ASP D 87 17.29 8.50 2.18
C ASP D 87 16.98 7.07 1.77
N ILE D 88 16.11 6.41 2.52
CA ILE D 88 15.80 5.01 2.26
C ILE D 88 14.97 4.79 0.99
N ARG D 89 14.19 5.78 0.60
CA ARG D 89 13.42 5.66 -0.64
C ARG D 89 14.37 5.48 -1.82
N GLU D 90 15.31 6.42 -1.96
CA GLU D 90 16.27 6.38 -3.07
C GLU D 90 17.18 5.16 -2.95
N LEU D 91 17.40 4.70 -1.73
CA LEU D 91 18.28 3.55 -1.51
C LEU D 91 17.60 2.25 -1.90
N VAL D 92 16.31 2.13 -1.61
CA VAL D 92 15.57 0.92 -1.96
C VAL D 92 15.50 0.74 -3.46
N LYS D 93 15.34 1.83 -4.19
CA LYS D 93 15.28 1.77 -5.65
C LYS D 93 16.59 1.27 -6.25
N ASN D 94 17.69 1.81 -5.74
CA ASN D 94 19.03 1.47 -6.24
C ASN D 94 19.46 0.02 -5.98
N PRO D 96 20.21 -3.93 -5.36
CA PRO D 96 19.97 -5.12 -6.17
C PRO D 96 19.15 -6.16 -5.40
N TRP D 97 17.83 -5.95 -5.33
CA TRP D 97 16.98 -6.84 -4.56
C TRP D 97 16.85 -8.24 -5.15
N ASP D 98 17.27 -8.40 -6.40
CA ASP D 98 17.33 -9.71 -7.04
C ASP D 98 18.50 -10.51 -6.50
N ASP D 99 19.40 -9.84 -5.78
CA ASP D 99 20.61 -10.47 -5.24
C ASP D 99 20.78 -10.23 -3.74
N VAL D 100 20.33 -11.18 -2.94
CA VAL D 100 20.36 -11.04 -1.50
C VAL D 100 21.78 -10.84 -0.96
N LYS D 101 22.70 -11.67 -1.42
CA LYS D 101 24.08 -11.59 -0.96
C LYS D 101 24.65 -10.19 -1.13
N ASP D 102 24.39 -9.60 -2.30
CA ASP D 102 24.94 -8.29 -2.65
C ASP D 102 24.27 -7.19 -1.84
N CYS D 103 22.97 -7.33 -1.61
CA CYS D 103 22.25 -6.40 -0.76
C CYS D 103 22.85 -6.36 0.62
N ALA D 104 23.18 -7.53 1.15
CA ALA D 104 23.81 -7.61 2.46
C ALA D 104 25.16 -6.90 2.45
N GLU D 105 25.88 -7.03 1.33
CA GLU D 105 27.16 -6.36 1.20
C GLU D 105 27.00 -4.85 1.25
N ILE D 106 25.97 -4.35 0.59
CA ILE D 106 25.70 -2.93 0.56
C ILE D 106 25.37 -2.42 1.96
N ILE D 107 24.51 -3.14 2.65
CA ILE D 107 24.13 -2.78 4.01
C ILE D 107 25.38 -2.70 4.89
N ARG D 108 26.27 -3.68 4.77
CA ARG D 108 27.47 -3.72 5.60
C ARG D 108 28.42 -2.56 5.33
N CYS D 109 28.13 -1.75 4.31
CA CYS D 109 28.84 -0.49 4.12
C CYS D 109 28.44 0.48 5.23
N TYR D 110 27.14 0.52 5.52
CA TYR D 110 26.61 1.38 6.56
C TYR D 110 26.81 0.78 7.96
N ILE D 111 26.49 -0.51 8.10
CA ILE D 111 26.67 -1.26 9.35
C ILE D 111 27.71 -2.38 9.17
N PRO D 112 29.00 -2.03 9.33
CA PRO D 112 30.14 -2.91 9.04
C PRO D 112 30.35 -4.03 10.06
N ASP D 113 30.28 -3.68 11.35
CA ASP D 113 30.66 -4.62 12.40
C ASP D 113 29.66 -5.76 12.57
N GLU D 114 30.16 -6.89 13.06
CA GLU D 114 29.29 -8.02 13.34
C GLU D 114 28.52 -7.74 14.62
N GLN D 115 29.18 -7.05 15.55
CA GLN D 115 28.51 -6.53 16.73
C GLN D 115 27.75 -5.26 16.37
N LYS D 116 26.43 -5.37 16.25
CA LYS D 116 25.58 -4.23 15.89
C LYS D 116 24.92 -3.59 17.13
N THR D 117 24.60 -2.31 17.02
CA THR D 117 23.89 -1.61 18.08
C THR D 117 22.37 -1.70 17.90
N ILE D 118 21.63 -1.51 18.98
CA ILE D 118 20.18 -1.60 18.93
C ILE D 118 19.57 -0.68 17.86
N ARG D 119 20.22 0.45 17.62
CA ARG D 119 19.77 1.38 16.59
C ARG D 119 20.03 0.83 15.18
N GLU D 120 21.21 0.23 14.99
CA GLU D 120 21.58 -0.35 13.70
C GLU D 120 20.68 -1.52 13.34
N ILE D 121 20.33 -2.33 14.34
CA ILE D 121 19.46 -3.48 14.13
C ILE D 121 18.06 -3.04 13.74
N SER D 122 17.56 -1.99 14.39
CA SER D 122 16.25 -1.42 14.06
C SER D 122 16.25 -0.81 12.66
N ALA D 123 17.34 -0.14 12.32
CA ALA D 123 17.53 0.39 10.97
C ALA D 123 17.38 -0.72 9.93
N ILE D 124 18.04 -1.84 10.15
CA ILE D 124 18.00 -2.94 9.20
C ILE D 124 16.58 -3.49 9.00
N ILE D 125 15.85 -3.68 10.10
CA ILE D 125 14.47 -4.15 10.03
C ILE D 125 13.61 -3.09 9.37
N GLY D 126 13.84 -1.84 9.76
CA GLY D 126 13.15 -0.70 9.18
C GLY D 126 13.32 -0.65 7.67
N LEU D 127 14.56 -0.79 7.21
CA LEU D 127 14.84 -0.72 5.79
C LEU D 127 14.19 -1.86 5.02
N CYS D 128 14.25 -3.06 5.57
CA CYS D 128 13.73 -4.24 4.90
C CYS D 128 12.22 -4.23 4.80
N ALA D 129 11.56 -3.67 5.81
CA ALA D 129 10.11 -3.56 5.80
C ALA D 129 9.66 -2.52 4.79
N TYR D 130 10.44 -1.46 4.62
CA TYR D 130 10.13 -0.44 3.63
C TYR D 130 10.30 -1.02 2.23
N ALA D 131 11.40 -1.73 2.03
CA ALA D 131 11.68 -2.35 0.75
C ALA D 131 10.56 -3.31 0.38
N ALA D 132 10.06 -4.03 1.38
CA ALA D 132 9.02 -5.03 1.15
C ALA D 132 7.72 -4.37 0.72
N THR D 133 7.43 -3.20 1.28
CA THR D 133 6.23 -2.46 0.92
C THR D 133 6.37 -1.82 -0.47
N TYR D 134 7.55 -1.25 -0.71
CA TYR D 134 7.87 -0.69 -2.02
C TYR D 134 7.71 -1.70 -3.15
N TRP D 135 8.24 -2.91 -2.95
CA TRP D 135 8.30 -3.89 -4.04
C TRP D 135 7.11 -4.81 -4.15
N GLY D 136 6.23 -4.78 -3.14
CA GLY D 136 5.07 -5.65 -3.13
C GLY D 136 4.05 -5.23 -4.16
N GLY D 137 3.06 -6.10 -4.40
CA GLY D 137 1.98 -5.78 -5.30
C GLY D 137 0.76 -5.30 -4.55
N GLU D 138 -0.35 -5.13 -5.26
CA GLU D 138 -1.58 -4.68 -4.63
C GLU D 138 -2.41 -5.87 -4.16
N ASP D 139 -2.05 -7.05 -4.65
CA ASP D 139 -2.81 -8.27 -4.34
C ASP D 139 -1.94 -9.48 -4.00
N HIS D 140 -0.62 -9.32 -4.12
CA HIS D 140 0.32 -10.40 -3.80
C HIS D 140 1.72 -9.85 -3.62
N PRO D 141 2.67 -10.72 -3.20
CA PRO D 141 4.09 -10.39 -3.08
C PRO D 141 4.86 -10.62 -4.38
N THR D 142 6.07 -10.08 -4.46
CA THR D 142 6.91 -10.21 -5.65
C THR D 142 8.23 -10.82 -5.25
N SER D 143 8.99 -11.27 -6.24
CA SER D 143 10.30 -11.85 -5.97
C SER D 143 11.15 -10.90 -5.12
N ASN D 144 11.08 -9.61 -5.47
CA ASN D 144 11.87 -8.61 -4.79
C ASN D 144 11.40 -8.37 -3.36
N SER D 145 10.09 -8.33 -3.16
CA SER D 145 9.54 -8.09 -1.83
C SER D 145 9.88 -9.25 -0.90
N LEU D 146 9.84 -10.47 -1.42
CA LEU D 146 10.29 -11.63 -0.64
C LEU D 146 11.77 -11.52 -0.31
N ASN D 147 12.58 -11.13 -1.28
CA ASN D 147 14.02 -11.03 -1.07
C ASN D 147 14.38 -10.06 0.05
N ALA D 148 13.54 -9.05 0.27
CA ALA D 148 13.74 -8.11 1.39
C ALA D 148 13.73 -8.87 2.71
N LEU D 149 12.86 -9.87 2.78
CA LEU D 149 12.76 -10.74 3.93
C LEU D 149 14.05 -11.52 4.16
N PHE D 150 14.65 -11.98 3.08
CA PHE D 150 15.86 -12.80 3.19
C PHE D 150 17.09 -11.96 3.42
N VAL D 151 17.05 -10.71 2.98
CA VAL D 151 18.17 -9.82 3.24
C VAL D 151 18.29 -9.65 4.74
N LEU D 153 17.23 -11.64 7.16
CA LEU D 153 17.72 -12.89 7.73
C LEU D 153 19.22 -13.04 7.56
N GLU D 154 19.73 -12.66 6.39
CA GLU D 154 21.16 -12.67 6.14
C GLU D 154 21.90 -11.80 7.13
N LEU D 156 20.89 -10.54 10.31
CA LEU D 156 20.74 -10.69 11.75
C LEU D 156 21.09 -12.08 12.27
N ASN D 157 21.94 -12.10 13.30
CA ASN D 157 22.27 -13.31 14.05
C ASN D 157 21.49 -13.40 15.37
N TYR D 158 21.70 -14.47 16.13
CA TYR D 158 20.95 -14.67 17.37
C TYR D 158 21.22 -13.61 18.44
N VAL D 159 22.45 -13.11 18.48
CA VAL D 159 22.81 -12.06 19.41
C VAL D 159 22.08 -10.77 19.10
N ASP D 160 21.78 -10.56 17.82
CA ASP D 160 21.04 -9.37 17.40
C ASP D 160 19.59 -9.46 17.83
N TYR D 161 19.04 -10.68 17.79
CA TYR D 161 17.65 -10.88 18.21
C TYR D 161 17.44 -10.64 19.70
N ASN D 162 18.47 -10.89 20.52
CA ASN D 162 18.38 -10.63 21.97
C ASN D 162 18.29 -9.15 22.26
N ILE D 163 18.96 -8.36 21.43
CA ILE D 163 19.04 -6.93 21.62
C ILE D 163 17.75 -6.25 21.19
N ILE D 164 17.35 -6.51 19.95
CA ILE D 164 16.15 -5.89 19.41
C ILE D 164 14.93 -6.36 20.18
N PHE D 165 15.06 -7.47 20.89
CA PHE D 165 14.01 -7.95 21.75
C PHE D 165 13.65 -6.92 22.82
N ARG D 166 14.61 -6.10 23.20
CA ARG D 166 14.38 -5.08 24.24
C ARG D 166 13.46 -3.94 23.78
N ARG D 167 13.21 -3.86 22.49
CA ARG D 167 12.29 -2.84 21.96
C ARG D 167 10.90 -3.44 21.79
N ASN D 169 9.67 -5.40 24.10
CA ASN D 169 9.44 -5.75 25.50
C ASN D 169 10.58 -6.57 26.07
#